data_7QCR
#
_entry.id   7QCR
#
_cell.length_a   76.16
_cell.length_b   43.49
_cell.length_c   56.07
_cell.angle_alpha   90
_cell.angle_beta   96.88
_cell.angle_gamma   90
#
_symmetry.space_group_name_H-M   'C 1 2 1'
#
loop_
_entity.id
_entity.type
_entity.pdbx_description
1 polymer Afadin
2 polymer 'Envelope small membrane protein'
3 non-polymer 'SULFATE ION'
4 water water
#
loop_
_entity_poly.entity_id
_entity_poly.type
_entity_poly.pdbx_seq_one_letter_code
_entity_poly.pdbx_strand_id
1 'polypeptide(L)'
;GRKEPEIITVTLKKQNGMGLSIVAAKGAGQDKLGIYVKSVVKGGAADVDGRLAAGDQLLSVDGRSLVGLSQERAAELMTR
TSSVVTLEVAKQGAIYH
;
A,B
2 'polypeptide(L)' NLNSSRVPDLLV C,D
#
loop_
_chem_comp.id
_chem_comp.type
_chem_comp.name
_chem_comp.formula
SO4 non-polymer 'SULFATE ION' 'O4 S -2'
#
# COMPACT_ATOMS: atom_id res chain seq x y z
N PRO A 5 0.64 -18.03 23.69
CA PRO A 5 0.09 -16.75 23.23
C PRO A 5 -1.37 -16.82 22.77
N GLU A 6 -2.00 -15.65 22.60
CA GLU A 6 -3.38 -15.56 22.10
C GLU A 6 -3.33 -15.79 20.59
N ILE A 7 -4.13 -16.73 20.07
CA ILE A 7 -4.16 -16.99 18.62
C ILE A 7 -5.47 -16.52 18.01
N ILE A 8 -5.41 -15.48 17.17
CA ILE A 8 -6.57 -14.90 16.53
C ILE A 8 -6.54 -15.09 15.01
N THR A 9 -7.68 -14.91 14.33
CA THR A 9 -7.77 -15.05 12.88
C THR A 9 -8.13 -13.70 12.30
N VAL A 10 -7.22 -13.11 11.53
CA VAL A 10 -7.42 -11.79 10.95
C VAL A 10 -7.54 -11.84 9.44
N THR A 11 -8.68 -11.42 8.92
CA THR A 11 -8.91 -11.40 7.48
C THR A 11 -8.79 -9.96 7.00
N LEU A 12 -7.91 -9.73 6.00
CA LEU A 12 -7.69 -8.39 5.49
C LEU A 12 -7.98 -8.32 4.01
N LYS A 13 -8.57 -7.20 3.59
CA LYS A 13 -8.74 -6.93 2.18
C LYS A 13 -7.59 -5.97 1.88
N LYS A 14 -6.69 -6.36 0.98
CA LYS A 14 -5.54 -5.54 0.61
C LYS A 14 -5.97 -4.21 0.02
N GLN A 15 -5.17 -3.18 0.23
CA GLN A 15 -5.45 -1.88 -0.37
C GLN A 15 -4.87 -1.95 -1.79
N ASN A 16 -5.74 -1.86 -2.81
CA ASN A 16 -5.31 -1.91 -4.20
C ASN A 16 -5.27 -0.48 -4.74
N GLY A 17 -4.11 -0.07 -5.24
CA GLY A 17 -3.96 1.27 -5.77
C GLY A 17 -2.60 1.59 -6.35
N MET A 18 -2.40 2.86 -6.63
CA MET A 18 -1.16 3.39 -7.19
C MET A 18 -0.07 3.63 -6.15
N GLY A 19 -0.40 3.63 -4.86
CA GLY A 19 0.57 3.87 -3.80
C GLY A 19 0.92 5.34 -3.69
N LEU A 20 -0.12 6.19 -3.56
CA LEU A 20 0.04 7.64 -3.49
C LEU A 20 -0.81 8.27 -2.42
N SER A 21 -0.19 9.10 -1.57
CA SER A 21 -0.91 9.88 -0.58
C SER A 21 -1.13 11.26 -1.23
N ILE A 22 -2.38 11.72 -1.36
CA ILE A 22 -2.68 12.97 -2.03
C ILE A 22 -3.27 14.02 -1.09
N VAL A 23 -3.09 15.29 -1.46
CA VAL A 23 -3.62 16.45 -0.75
C VAL A 23 -4.15 17.46 -1.81
N ALA A 24 -5.21 18.22 -1.48
CA ALA A 24 -5.73 19.26 -2.36
C ALA A 24 -5.34 20.61 -1.77
N ALA A 25 -4.76 21.50 -2.60
CA ALA A 25 -4.34 22.82 -2.13
C ALA A 25 -4.43 23.89 -3.24
N LYS A 26 -4.45 25.17 -2.87
CA LYS A 26 -4.52 26.25 -3.87
C LYS A 26 -3.15 26.86 -4.16
N ASP A 31 -7.05 31.59 -8.43
CA ASP A 31 -6.51 30.35 -7.87
C ASP A 31 -7.54 29.22 -7.83
N LYS A 32 -7.19 28.07 -8.41
CA LYS A 32 -8.06 26.90 -8.36
C LYS A 32 -7.39 25.86 -7.45
N LEU A 33 -8.16 24.87 -7.02
CA LEU A 33 -7.60 23.78 -6.23
C LEU A 33 -6.67 22.94 -7.16
N GLY A 34 -5.76 22.21 -6.55
CA GLY A 34 -4.84 21.35 -7.26
C GLY A 34 -4.58 20.10 -6.45
N ILE A 35 -4.30 18.98 -7.13
CA ILE A 35 -4.04 17.72 -6.43
C ILE A 35 -2.55 17.44 -6.41
N TYR A 36 -1.97 17.38 -5.23
CA TYR A 36 -0.54 17.19 -5.06
C TYR A 36 -0.20 15.89 -4.36
N VAL A 37 0.99 15.37 -4.64
CA VAL A 37 1.44 14.14 -4.00
C VAL A 37 2.08 14.53 -2.68
N LYS A 38 1.44 14.16 -1.60
CA LYS A 38 1.92 14.42 -0.25
C LYS A 38 3.08 13.44 0.06
N SER A 39 2.90 12.18 -0.36
CA SER A 39 3.88 11.13 -0.12
C SER A 39 3.72 10.00 -1.13
N VAL A 40 4.82 9.36 -1.49
CA VAL A 40 4.82 8.22 -2.37
C VAL A 40 4.98 7.00 -1.45
N VAL A 41 4.02 6.08 -1.46
CA VAL A 41 4.05 4.92 -0.58
C VAL A 41 5.20 3.94 -0.89
N LYS A 42 6.08 3.69 0.09
CA LYS A 42 7.21 2.78 -0.06
C LYS A 42 6.76 1.38 -0.50
N GLY A 43 7.31 0.92 -1.61
CA GLY A 43 6.99 -0.38 -2.19
C GLY A 43 5.77 -0.42 -3.09
N GLY A 44 5.02 0.68 -3.15
CA GLY A 44 3.83 0.76 -3.99
C GLY A 44 4.14 0.92 -5.46
N ALA A 45 3.11 0.89 -6.33
CA ALA A 45 3.31 1.03 -7.78
C ALA A 45 4.05 2.30 -8.20
N ALA A 46 3.74 3.44 -7.58
CA ALA A 46 4.40 4.70 -7.91
C ALA A 46 5.88 4.71 -7.49
N ASP A 47 6.19 4.02 -6.39
CA ASP A 47 7.55 3.92 -5.90
C ASP A 47 8.39 2.99 -6.79
N VAL A 48 7.84 1.83 -7.19
CA VAL A 48 8.55 0.89 -8.07
C VAL A 48 8.80 1.51 -9.46
N ASP A 49 7.85 2.34 -9.94
CA ASP A 49 7.97 3.05 -11.21
C ASP A 49 9.08 4.13 -11.14
N GLY A 50 9.25 4.74 -9.98
CA GLY A 50 10.32 5.70 -9.73
C GLY A 50 10.20 7.10 -10.29
N ARG A 51 9.17 7.39 -11.09
CA ARG A 51 9.04 8.72 -11.70
C ARG A 51 8.34 9.74 -10.79
N LEU A 52 7.33 9.31 -10.01
CA LEU A 52 6.63 10.24 -9.13
C LEU A 52 7.35 10.56 -7.83
N ALA A 53 7.17 11.78 -7.34
CA ALA A 53 7.77 12.21 -6.09
C ALA A 53 6.84 13.17 -5.31
N ALA A 54 7.10 13.35 -3.99
CA ALA A 54 6.31 14.29 -3.16
C ALA A 54 6.51 15.68 -3.70
N GLY A 55 5.41 16.43 -3.80
CA GLY A 55 5.43 17.78 -4.35
C GLY A 55 4.95 17.88 -5.78
N ASP A 56 4.87 16.75 -6.49
CA ASP A 56 4.40 16.76 -7.87
C ASP A 56 2.89 17.00 -7.88
N GLN A 57 2.40 17.67 -8.93
CA GLN A 57 0.98 17.92 -9.06
C GLN A 57 0.40 16.94 -10.07
N LEU A 58 -0.69 16.29 -9.69
CA LEU A 58 -1.40 15.38 -10.59
C LEU A 58 -2.38 16.24 -11.36
N LEU A 59 -2.07 16.50 -12.62
CA LEU A 59 -2.89 17.37 -13.45
C LEU A 59 -4.15 16.70 -13.98
N SER A 60 -4.08 15.42 -14.27
CA SER A 60 -5.25 14.70 -14.79
C SER A 60 -5.13 13.17 -14.61
N VAL A 61 -6.27 12.47 -14.82
CA VAL A 61 -6.41 11.02 -14.78
C VAL A 61 -7.17 10.63 -16.03
N ASP A 62 -6.59 9.79 -16.88
CA ASP A 62 -7.25 9.33 -18.11
C ASP A 62 -8.02 10.43 -18.92
N GLY A 63 -7.41 11.60 -19.08
CA GLY A 63 -8.03 12.70 -19.82
C GLY A 63 -8.99 13.58 -19.04
N ARG A 64 -9.22 13.28 -17.76
CA ARG A 64 -10.11 14.04 -16.90
C ARG A 64 -9.30 14.92 -16.01
N SER A 65 -9.55 16.24 -16.04
CA SER A 65 -8.78 17.20 -15.24
C SER A 65 -8.95 16.98 -13.75
N LEU A 66 -7.85 17.10 -13.01
CA LEU A 66 -7.84 17.02 -11.55
C LEU A 66 -7.68 18.42 -10.92
N VAL A 67 -8.02 19.50 -11.67
CA VAL A 67 -7.91 20.85 -11.17
C VAL A 67 -9.29 21.36 -10.76
N GLY A 68 -9.34 22.07 -9.63
CA GLY A 68 -10.57 22.66 -9.14
C GLY A 68 -11.49 21.72 -8.40
N LEU A 69 -10.95 20.62 -7.89
CA LEU A 69 -11.76 19.67 -7.13
C LEU A 69 -11.07 19.22 -5.85
N SER A 70 -11.88 18.80 -4.88
CA SER A 70 -11.46 18.32 -3.58
C SER A 70 -10.68 17.01 -3.65
N GLN A 71 -9.98 16.66 -2.54
CA GLN A 71 -9.22 15.42 -2.37
C GLN A 71 -10.11 14.21 -2.66
N GLU A 72 -11.34 14.22 -2.09
CA GLU A 72 -12.32 13.15 -2.20
C GLU A 72 -12.81 12.97 -3.61
N ARG A 73 -13.05 14.07 -4.33
CA ARG A 73 -13.49 13.98 -5.72
C ARG A 73 -12.38 13.43 -6.61
N ALA A 74 -11.11 13.85 -6.35
CA ALA A 74 -9.95 13.33 -7.08
C ALA A 74 -9.79 11.83 -6.81
N ALA A 75 -9.95 11.41 -5.54
CA ALA A 75 -9.89 10.00 -5.14
C ALA A 75 -11.00 9.19 -5.82
N GLU A 76 -12.22 9.73 -5.93
CA GLU A 76 -13.31 9.05 -6.63
C GLU A 76 -12.95 8.76 -8.08
N LEU A 77 -12.33 9.75 -8.76
CA LEU A 77 -11.92 9.64 -10.17
C LEU A 77 -10.71 8.71 -10.35
N MET A 78 -9.75 8.76 -9.42
CA MET A 78 -8.55 7.93 -9.49
C MET A 78 -8.74 6.49 -9.04
N THR A 79 -9.86 6.15 -8.39
CA THR A 79 -10.13 4.79 -7.96
C THR A 79 -11.17 4.10 -8.86
N ARG A 80 -12.07 4.89 -9.48
CA ARG A 80 -13.08 4.49 -10.47
C ARG A 80 -12.46 3.72 -11.64
N THR A 81 -11.20 4.04 -11.94
CA THR A 81 -10.37 3.53 -13.02
C THR A 81 -10.17 2.02 -13.04
N SER A 82 -9.78 1.53 -14.20
CA SER A 82 -9.40 0.14 -14.42
C SER A 82 -8.00 -0.10 -13.76
N SER A 83 -7.44 -1.32 -13.88
N SER A 83 -7.44 -1.33 -13.89
CA SER A 83 -6.14 -1.67 -13.31
CA SER A 83 -6.13 -1.69 -13.33
C SER A 83 -5.04 -0.70 -13.75
C SER A 83 -5.03 -0.71 -13.75
N VAL A 84 -5.06 -0.26 -15.00
CA VAL A 84 -4.06 0.67 -15.52
C VAL A 84 -4.61 2.10 -15.67
N VAL A 85 -3.94 3.07 -15.06
CA VAL A 85 -4.34 4.48 -15.06
C VAL A 85 -3.24 5.39 -15.62
N THR A 86 -3.62 6.40 -16.42
CA THR A 86 -2.66 7.33 -17.01
C THR A 86 -2.73 8.69 -16.38
N LEU A 87 -1.63 9.12 -15.76
CA LEU A 87 -1.57 10.43 -15.10
C LEU A 87 -0.72 11.44 -15.88
N GLU A 88 -1.18 12.69 -15.96
CA GLU A 88 -0.41 13.81 -16.48
C GLU A 88 0.16 14.47 -15.21
N VAL A 89 1.50 14.64 -15.13
CA VAL A 89 2.12 15.12 -13.90
C VAL A 89 2.96 16.38 -14.12
N ALA A 90 2.84 17.37 -13.23
CA ALA A 90 3.67 18.56 -13.30
C ALA A 90 4.70 18.35 -12.20
N LYS A 91 5.96 18.12 -12.58
CA LYS A 91 7.05 17.87 -11.65
C LYS A 91 7.26 19.08 -10.77
N GLN A 92 7.14 18.88 -9.46
CA GLN A 92 7.21 19.92 -8.44
C GLN A 92 6.26 21.08 -8.74
N GLY A 93 4.97 20.75 -8.82
CA GLY A 93 3.84 21.63 -9.11
C GLY A 93 3.75 22.96 -8.38
N ALA A 94 4.53 23.13 -7.28
CA ALA A 94 4.63 24.36 -6.48
C ALA A 94 5.42 25.47 -7.22
N ILE A 95 5.04 25.70 -8.48
CA ILE A 95 5.51 26.70 -9.41
C ILE A 95 4.24 27.44 -9.84
N GLU B 6 9.16 19.17 -16.92
CA GLU B 6 8.01 19.78 -16.24
C GLU B 6 6.73 18.94 -16.36
N ILE B 7 6.19 18.69 -17.56
CA ILE B 7 4.97 17.87 -17.69
C ILE B 7 5.26 16.51 -18.33
N ILE B 8 5.11 15.46 -17.54
CA ILE B 8 5.36 14.08 -18.00
C ILE B 8 4.07 13.24 -17.96
N THR B 9 4.05 12.10 -18.65
CA THR B 9 2.88 11.21 -18.65
C THR B 9 3.29 9.89 -18.03
N VAL B 10 2.70 9.56 -16.89
CA VAL B 10 3.06 8.36 -16.14
C VAL B 10 1.88 7.41 -16.07
N THR B 11 2.04 6.21 -16.60
CA THR B 11 1.00 5.21 -16.55
C THR B 11 1.33 4.19 -15.46
N LEU B 12 0.38 3.95 -14.53
CA LEU B 12 0.62 3.03 -13.44
C LEU B 12 -0.36 1.90 -13.42
N LYS B 13 0.13 0.72 -13.12
CA LYS B 13 -0.70 -0.45 -12.94
C LYS B 13 -0.86 -0.57 -11.44
N LYS B 14 -2.10 -0.55 -10.95
CA LYS B 14 -2.36 -0.65 -9.52
C LYS B 14 -1.80 -1.94 -8.92
N GLN B 15 -1.46 -1.90 -7.62
CA GLN B 15 -0.96 -3.05 -6.90
C GLN B 15 -1.61 -3.22 -5.52
N ASN B 16 -1.62 -4.47 -5.03
CA ASN B 16 -2.17 -4.94 -3.76
C ASN B 16 -1.14 -4.90 -2.61
N GLY B 17 -1.63 -4.94 -1.36
CA GLY B 17 -0.78 -4.96 -0.17
C GLY B 17 -1.52 -4.87 1.15
N MET B 18 -1.12 -5.69 2.12
CA MET B 18 -1.69 -5.69 3.48
C MET B 18 -1.11 -4.59 4.39
N GLY B 19 0.02 -3.99 3.99
CA GLY B 19 0.66 -2.96 4.80
C GLY B 19 1.43 -3.55 5.97
N LEU B 20 2.30 -4.54 5.68
CA LEU B 20 3.08 -5.21 6.70
C LEU B 20 4.55 -5.39 6.34
N SER B 21 5.44 -5.01 7.25
CA SER B 21 6.86 -5.25 7.08
C SER B 21 7.15 -6.55 7.86
N ILE B 22 7.70 -7.57 7.21
CA ILE B 22 7.93 -8.86 7.87
C ILE B 22 9.41 -9.22 7.99
N VAL B 23 9.73 -10.08 8.97
CA VAL B 23 11.05 -10.62 9.24
C VAL B 23 10.93 -12.13 9.59
N ALA B 24 11.94 -12.93 9.27
CA ALA B 24 11.96 -14.35 9.60
C ALA B 24 12.96 -14.57 10.72
N ALA B 25 12.58 -15.31 11.77
CA ALA B 25 13.48 -15.57 12.88
C ALA B 25 13.21 -16.93 13.55
N LYS B 26 14.22 -17.49 14.24
CA LYS B 26 14.04 -18.75 14.96
C LYS B 26 13.75 -18.47 16.45
N ASP B 31 12.49 -24.52 17.10
CA ASP B 31 13.45 -25.25 16.27
C ASP B 31 13.42 -24.86 14.79
N LYS B 32 12.30 -24.27 14.33
CA LYS B 32 12.12 -23.86 12.94
C LYS B 32 12.00 -22.33 12.81
N LEU B 33 12.02 -21.82 11.57
CA LEU B 33 11.85 -20.40 11.31
C LEU B 33 10.40 -19.98 11.56
N GLY B 34 10.19 -18.69 11.75
CA GLY B 34 8.88 -18.12 11.96
C GLY B 34 8.78 -16.75 11.31
N ILE B 35 7.60 -16.35 10.87
CA ILE B 35 7.41 -15.04 10.21
C ILE B 35 6.77 -14.07 11.19
N TYR B 36 7.47 -12.99 11.48
CA TYR B 36 7.04 -12.01 12.45
C TYR B 36 6.79 -10.63 11.83
N VAL B 37 5.92 -9.85 12.47
CA VAL B 37 5.64 -8.50 12.02
C VAL B 37 6.75 -7.59 12.59
N LYS B 38 7.55 -7.02 11.71
CA LYS B 38 8.60 -6.09 12.09
C LYS B 38 7.96 -4.71 12.33
N SER B 39 7.02 -4.33 11.45
CA SER B 39 6.34 -3.05 11.52
C SER B 39 5.00 -3.11 10.78
N VAL B 40 4.03 -2.38 11.29
CA VAL B 40 2.73 -2.26 10.65
C VAL B 40 2.76 -0.91 9.92
N VAL B 41 2.57 -0.93 8.60
CA VAL B 41 2.63 0.30 7.79
C VAL B 41 1.49 1.28 8.10
N LYS B 42 1.85 2.51 8.49
CA LYS B 42 0.88 3.56 8.79
C LYS B 42 -0.07 3.84 7.63
N GLY B 43 -1.36 3.73 7.89
CA GLY B 43 -2.40 3.94 6.90
C GLY B 43 -2.74 2.73 6.05
N GLY B 44 -1.97 1.65 6.16
CA GLY B 44 -2.21 0.43 5.39
C GLY B 44 -3.38 -0.38 5.90
N ALA B 45 -3.75 -1.45 5.18
CA ALA B 45 -4.88 -2.31 5.57
C ALA B 45 -4.77 -2.89 6.99
N ALA B 46 -3.56 -3.32 7.39
CA ALA B 46 -3.36 -3.88 8.73
C ALA B 46 -3.49 -2.82 9.82
N ASP B 47 -3.10 -1.59 9.51
CA ASP B 47 -3.20 -0.47 10.44
C ASP B 47 -4.65 -0.04 10.62
N VAL B 48 -5.42 0.08 9.52
CA VAL B 48 -6.83 0.47 9.61
C VAL B 48 -7.66 -0.60 10.33
N ASP B 49 -7.30 -1.88 10.17
CA ASP B 49 -7.95 -2.99 10.85
C ASP B 49 -7.66 -2.95 12.38
N GLY B 50 -6.47 -2.51 12.75
CA GLY B 50 -6.09 -2.29 14.14
C GLY B 50 -5.73 -3.49 14.99
N ARG B 51 -5.92 -4.71 14.50
CA ARG B 51 -5.63 -5.90 15.29
C ARG B 51 -4.16 -6.32 15.26
N LEU B 52 -3.46 -6.19 14.11
CA LEU B 52 -2.05 -6.60 14.04
C LEU B 52 -1.09 -5.58 14.64
N ALA B 53 -0.01 -6.09 15.24
CA ALA B 53 1.02 -5.26 15.85
C ALA B 53 2.43 -5.86 15.64
N ALA B 54 3.48 -5.04 15.80
CA ALA B 54 4.87 -5.50 15.69
C ALA B 54 5.13 -6.53 16.77
N GLY B 55 5.77 -7.63 16.41
CA GLY B 55 6.03 -8.71 17.35
C GLY B 55 5.11 -9.91 17.20
N ASP B 56 3.98 -9.72 16.49
CA ASP B 56 3.04 -10.82 16.27
C ASP B 56 3.61 -11.78 15.24
N GLN B 57 3.29 -13.07 15.39
CA GLN B 57 3.77 -14.06 14.44
C GLN B 57 2.67 -14.42 13.48
N LEU B 58 2.97 -14.41 12.19
CA LEU B 58 2.04 -14.79 11.15
C LEU B 58 2.21 -16.31 10.99
N LEU B 59 1.24 -17.08 11.49
CA LEU B 59 1.32 -18.54 11.46
C LEU B 59 0.94 -19.15 10.12
N SER B 60 0.06 -18.49 9.37
CA SER B 60 -0.36 -19.00 8.07
C SER B 60 -1.04 -17.94 7.18
N VAL B 61 -1.12 -18.22 5.88
CA VAL B 61 -1.80 -17.45 4.84
C VAL B 61 -2.74 -18.40 4.16
N ASP B 62 -4.04 -18.12 4.17
CA ASP B 62 -5.06 -18.96 3.51
C ASP B 62 -4.88 -20.49 3.73
N GLY B 63 -4.64 -20.89 4.98
CA GLY B 63 -4.49 -22.29 5.35
C GLY B 63 -3.11 -22.89 5.12
N ARG B 64 -2.21 -22.15 4.45
CA ARG B 64 -0.85 -22.59 4.18
C ARG B 64 0.10 -22.07 5.25
N SER B 65 0.84 -22.97 5.90
CA SER B 65 1.77 -22.62 6.96
C SER B 65 2.91 -21.68 6.54
N LEU B 66 3.19 -20.73 7.42
CA LEU B 66 4.30 -19.79 7.25
C LEU B 66 5.47 -20.14 8.21
N VAL B 67 5.55 -21.39 8.67
CA VAL B 67 6.60 -21.85 9.57
C VAL B 67 7.64 -22.64 8.78
N GLY B 68 8.91 -22.41 9.10
CA GLY B 68 10.02 -23.09 8.48
C GLY B 68 10.43 -22.58 7.13
N LEU B 69 10.09 -21.33 6.82
CA LEU B 69 10.48 -20.73 5.54
C LEU B 69 11.02 -19.32 5.70
N SER B 70 11.86 -18.91 4.74
CA SER B 70 12.50 -17.61 4.66
C SER B 70 11.49 -16.47 4.46
N GLN B 71 11.94 -15.21 4.70
CA GLN B 71 11.19 -13.97 4.50
C GLN B 71 10.66 -13.92 3.07
N GLU B 72 11.53 -14.21 2.10
CA GLU B 72 11.24 -14.14 0.68
C GLU B 72 10.20 -15.15 0.27
N ARG B 73 10.28 -16.37 0.83
CA ARG B 73 9.30 -17.40 0.51
C ARG B 73 7.93 -17.03 1.07
N ALA B 74 7.90 -16.47 2.30
CA ALA B 74 6.66 -15.99 2.92
C ALA B 74 6.06 -14.86 2.08
N ALA B 75 6.89 -13.92 1.61
CA ALA B 75 6.47 -12.82 0.74
C ALA B 75 5.89 -13.34 -0.58
N GLU B 76 6.51 -14.36 -1.17
CA GLU B 76 6.01 -14.96 -2.42
C GLU B 76 4.60 -15.51 -2.21
N LEU B 77 4.35 -16.19 -1.07
CA LEU B 77 3.06 -16.77 -0.72
C LEU B 77 2.01 -15.74 -0.35
N MET B 78 2.41 -14.69 0.36
CA MET B 78 1.51 -13.62 0.78
C MET B 78 1.17 -12.60 -0.30
N THR B 79 1.89 -12.61 -1.43
CA THR B 79 1.58 -11.70 -2.54
C THR B 79 0.89 -12.44 -3.71
N ARG B 80 1.00 -13.78 -3.80
CA ARG B 80 0.36 -14.54 -4.89
C ARG B 80 -1.15 -14.84 -4.65
N THR B 81 -1.74 -14.27 -3.58
CA THR B 81 -3.16 -14.46 -3.21
C THR B 81 -4.10 -13.39 -3.85
N SER B 82 -5.42 -13.52 -3.63
CA SER B 82 -6.48 -12.63 -4.13
C SER B 82 -6.59 -11.33 -3.28
N SER B 83 -7.57 -10.44 -3.59
CA SER B 83 -7.79 -9.18 -2.87
C SER B 83 -7.99 -9.37 -1.36
N VAL B 84 -8.62 -10.48 -0.96
CA VAL B 84 -8.83 -10.76 0.46
C VAL B 84 -7.99 -11.97 0.92
N VAL B 85 -7.18 -11.77 1.97
CA VAL B 85 -6.27 -12.79 2.51
C VAL B 85 -6.57 -13.08 3.99
N THR B 86 -6.53 -14.35 4.39
CA THR B 86 -6.80 -14.74 5.77
C THR B 86 -5.53 -15.16 6.49
N LEU B 87 -5.18 -14.46 7.55
CA LEU B 87 -3.99 -14.76 8.33
C LEU B 87 -4.36 -15.35 9.70
N GLU B 88 -3.62 -16.38 10.15
CA GLU B 88 -3.73 -16.93 11.51
C GLU B 88 -2.59 -16.22 12.25
N VAL B 89 -2.86 -15.57 13.38
CA VAL B 89 -1.86 -14.76 14.07
C VAL B 89 -1.65 -15.18 15.51
N ALA B 90 -0.39 -15.27 15.96
CA ALA B 90 -0.08 -15.55 17.36
C ALA B 90 0.34 -14.21 17.92
N LYS B 91 -0.48 -13.62 18.78
CA LYS B 91 -0.23 -12.30 19.38
C LYS B 91 1.03 -12.36 20.21
N GLN B 92 2.01 -11.51 19.86
CA GLN B 92 3.34 -11.46 20.46
C GLN B 92 3.99 -12.83 20.50
N GLY B 93 4.20 -13.38 19.30
CA GLY B 93 4.78 -14.68 18.99
C GLY B 93 5.99 -15.19 19.77
N ALA B 94 6.67 -14.32 20.55
CA ALA B 94 7.76 -14.71 21.45
C ALA B 94 7.20 -15.34 22.79
N ILE B 95 6.19 -16.25 22.65
CA ILE B 95 5.44 -17.00 23.68
C ILE B 95 4.57 -16.04 24.56
N PRO C 8 16.63 -2.16 4.74
CA PRO C 8 15.35 -1.92 4.06
C PRO C 8 14.20 -2.66 4.78
N ASP C 9 13.08 -2.86 4.09
CA ASP C 9 11.93 -3.58 4.61
C ASP C 9 11.45 -4.59 3.57
N LEU C 10 10.80 -5.65 4.04
CA LEU C 10 10.18 -6.60 3.14
C LEU C 10 8.71 -6.36 3.36
N LEU C 11 8.03 -5.82 2.36
CA LEU C 11 6.64 -5.42 2.49
C LEU C 11 5.67 -6.34 1.80
N VAL C 12 4.60 -6.73 2.51
CA VAL C 12 3.58 -7.59 1.94
C VAL C 12 2.18 -6.95 1.93
N PRO D 8 -5.47 16.72 6.69
CA PRO D 8 -6.35 15.76 5.99
C PRO D 8 -5.76 15.26 4.68
N ASP D 9 -5.56 13.94 4.54
CA ASP D 9 -5.03 13.37 3.30
C ASP D 9 -5.67 12.01 2.96
N LEU D 10 -5.61 11.62 1.68
CA LEU D 10 -6.18 10.36 1.21
C LEU D 10 -5.16 9.43 0.56
N LEU D 11 -5.46 8.15 0.50
CA LEU D 11 -4.61 7.17 -0.15
C LEU D 11 -5.25 6.74 -1.46
N VAL D 12 -4.49 6.80 -2.54
CA VAL D 12 -4.98 6.43 -3.85
C VAL D 12 -4.00 5.52 -4.62
S SO4 E . -19.38 11.66 -13.86
O1 SO4 E . -20.34 10.91 -13.05
O2 SO4 E . -18.15 11.87 -13.09
O3 SO4 E . -19.94 12.96 -14.23
O4 SO4 E . -19.07 10.90 -15.09
#